data_4KOU
#
_entry.id   4KOU
#
_cell.length_a   57.709
_cell.length_b   75.998
_cell.length_c   39.435
_cell.angle_alpha   90.00
_cell.angle_beta   90.00
_cell.angle_gamma   90.00
#
_symmetry.space_group_name_H-M   'P 21 21 2'
#
loop_
_entity.id
_entity.type
_entity.pdbx_description
1 polymer 'Uncharacterized protein'
2 non-polymer 'SULFATE ION'
3 non-polymer '(6R,7R)-7-({(2Z)-2-(2-amino-1,3-thiazol-4-yl)-2-[(carboxymethoxy)imino]acetyl}amino)-3-ethenyl-8-oxo-5-thia-1-azabicyclo[4.2.0]oct-2-ene-2-carboxylic acid'
4 non-polymer 1,2-ETHANEDIOL
5 water water
#
_entity_poly.entity_id   1
_entity_poly.type   'polypeptide(L)'
_entity_poly.pdbx_seq_one_letter_code
;GHMQLSHRPAETGDLETVAGFPQDRDELFYCYPKAIWPFSVAQLAAAIAERRGSTVAVHDGQVLGFANFYQWQHGDFCAL
GNMMVAPAARGLGVARYLIGVMENLAREQYKARLMKISCFNANAAGLLLYTQLGYQPRAIAERHDPDGRRVALIQMDKPL
EP
;
_entity_poly.pdbx_strand_id   A
#
# COMPACT_ATOMS: atom_id res chain seq x y z
N MET A 3 -2.76 -0.26 20.33
CA MET A 3 -1.52 -0.50 19.52
C MET A 3 -0.48 0.59 19.74
N GLN A 4 0.73 0.18 20.06
CA GLN A 4 1.90 1.04 19.92
C GLN A 4 2.64 0.58 18.65
N LEU A 5 2.63 1.43 17.63
CA LEU A 5 3.26 1.13 16.37
C LEU A 5 4.49 1.97 16.12
N SER A 6 5.46 1.38 15.43
CA SER A 6 6.64 2.09 14.95
C SER A 6 6.81 1.76 13.49
N HIS A 7 7.73 2.47 12.84
CA HIS A 7 8.02 2.25 11.43
C HIS A 7 9.47 2.38 11.13
N ARG A 8 9.88 1.71 10.06
CA ARG A 8 11.22 1.81 9.48
C ARG A 8 11.22 1.34 8.05
N PRO A 9 12.26 1.67 7.30
CA PRO A 9 12.36 1.15 5.96
C PRO A 9 12.35 -0.39 5.95
N ALA A 10 11.67 -0.98 4.99
CA ALA A 10 11.73 -2.46 4.82
C ALA A 10 13.13 -2.93 4.62
N GLU A 11 13.43 -4.13 5.17
CA GLU A 11 14.70 -4.74 5.09
C GLU A 11 14.56 -6.12 4.51
N THR A 12 15.64 -6.68 4.05
CA THR A 12 15.51 -8.04 3.39
CA THR A 12 15.58 -8.05 3.39
C THR A 12 14.90 -9.14 4.30
N GLY A 13 15.29 -8.98 5.55
CA GLY A 13 14.85 -9.89 6.58
C GLY A 13 13.34 -9.90 6.80
N ASP A 14 12.69 -8.80 6.43
CA ASP A 14 11.25 -8.67 6.55
C ASP A 14 10.45 -9.34 5.44
N LEU A 15 11.10 -9.69 4.33
N LEU A 15 11.12 -9.68 4.33
CA LEU A 15 10.35 -10.08 3.13
CA LEU A 15 10.43 -10.07 3.09
C LEU A 15 9.55 -11.34 3.23
C LEU A 15 9.56 -11.32 3.23
N GLU A 16 10.09 -12.35 3.87
CA GLU A 16 9.33 -13.58 3.96
C GLU A 16 8.06 -13.32 4.78
N THR A 17 8.19 -12.51 5.85
CA THR A 17 7.05 -12.15 6.63
C THR A 17 5.97 -11.40 5.83
N VAL A 18 6.38 -10.33 5.19
CA VAL A 18 5.44 -9.54 4.38
C VAL A 18 4.80 -10.37 3.25
N ALA A 19 5.60 -11.19 2.61
CA ALA A 19 5.09 -12.02 1.52
C ALA A 19 4.05 -13.02 2.00
N GLY A 20 4.06 -13.29 3.30
CA GLY A 20 3.02 -14.12 3.95
C GLY A 20 1.67 -13.50 4.19
N PHE A 21 1.60 -12.15 4.00
CA PHE A 21 0.41 -11.51 4.38
C PHE A 21 -0.82 -11.80 3.53
N PRO A 22 -0.70 -11.82 2.19
CA PRO A 22 -1.90 -12.08 1.36
C PRO A 22 -2.34 -13.52 1.54
N GLN A 23 -3.59 -13.70 1.90
CA GLN A 23 -4.10 -15.05 2.32
C GLN A 23 -4.72 -15.84 1.18
N ASP A 24 -4.97 -15.21 0.05
CA ASP A 24 -5.57 -15.85 -1.12
C ASP A 24 -5.40 -14.99 -2.37
N ARG A 25 -5.84 -15.50 -3.51
CA ARG A 25 -5.57 -14.80 -4.81
C ARG A 25 -6.18 -13.45 -4.88
N ASP A 26 -7.34 -13.31 -4.28
CA ASP A 26 -8.04 -12.04 -4.28
C ASP A 26 -7.25 -11.04 -3.48
N GLU A 27 -6.84 -11.39 -2.26
CA GLU A 27 -6.09 -10.47 -1.42
C GLU A 27 -4.83 -10.01 -2.13
N LEU A 28 -4.15 -10.93 -2.80
CA LEU A 28 -2.94 -10.59 -3.49
C LEU A 28 -3.30 -9.56 -4.59
N PHE A 29 -4.34 -9.88 -5.36
CA PHE A 29 -4.77 -8.98 -6.44
C PHE A 29 -5.12 -7.63 -5.93
N TYR A 30 -5.76 -7.53 -4.77
CA TYR A 30 -6.22 -6.22 -4.27
C TYR A 30 -5.06 -5.38 -3.79
N CYS A 31 -3.88 -5.95 -3.51
CA CYS A 31 -2.69 -5.16 -3.05
C CYS A 31 -1.56 -5.12 -4.04
N TYR A 32 -1.55 -6.03 -5.04
CA TYR A 32 -0.46 -6.15 -5.94
C TYR A 32 -0.93 -6.82 -7.22
N PRO A 33 -1.74 -6.14 -8.03
CA PRO A 33 -2.43 -6.83 -9.12
C PRO A 33 -1.52 -7.44 -10.19
N LYS A 34 -0.29 -6.95 -10.34
CA LYS A 34 0.64 -7.51 -11.34
C LYS A 34 1.27 -8.82 -10.85
N ALA A 35 1.19 -9.07 -9.55
CA ALA A 35 1.77 -10.30 -8.99
C ALA A 35 0.97 -11.52 -9.43
N ILE A 36 1.63 -12.67 -9.35
CA ILE A 36 1.02 -13.93 -9.72
C ILE A 36 1.01 -14.79 -8.48
N TRP A 37 -0.10 -15.44 -8.22
CA TRP A 37 -0.20 -16.39 -7.12
C TRP A 37 0.51 -17.70 -7.46
N PRO A 38 1.24 -18.28 -6.50
CA PRO A 38 1.49 -17.82 -5.15
C PRO A 38 2.51 -16.67 -5.11
N PHE A 39 2.33 -15.83 -4.12
CA PHE A 39 3.27 -14.76 -3.88
C PHE A 39 4.58 -15.33 -3.33
N SER A 40 5.62 -14.54 -3.41
CA SER A 40 6.98 -15.00 -3.12
C SER A 40 7.81 -13.85 -2.76
N VAL A 41 8.88 -14.13 -2.05
CA VAL A 41 9.85 -13.05 -1.76
CA VAL A 41 9.85 -13.08 -1.75
C VAL A 41 10.47 -12.41 -3.03
N ALA A 42 10.73 -13.24 -4.04
CA ALA A 42 11.29 -12.71 -5.28
C ALA A 42 10.33 -11.66 -5.87
N GLN A 43 9.02 -11.91 -5.87
CA GLN A 43 8.07 -10.97 -6.45
C GLN A 43 8.07 -9.72 -5.62
N LEU A 44 8.11 -9.87 -4.29
CA LEU A 44 8.05 -8.71 -3.40
C LEU A 44 9.31 -7.86 -3.61
N ALA A 45 10.45 -8.52 -3.66
CA ALA A 45 11.72 -7.82 -3.82
C ALA A 45 11.78 -7.10 -5.14
N ALA A 46 11.23 -7.70 -6.19
CA ALA A 46 11.16 -7.04 -7.50
C ALA A 46 10.30 -5.77 -7.44
N ALA A 47 9.18 -5.81 -6.70
CA ALA A 47 8.36 -4.59 -6.51
C ALA A 47 9.16 -3.52 -5.80
N ILE A 48 9.76 -3.89 -4.69
CA ILE A 48 10.56 -2.95 -3.91
C ILE A 48 11.64 -2.28 -4.76
N ALA A 49 12.32 -3.06 -5.58
CA ALA A 49 13.39 -2.50 -6.42
C ALA A 49 12.86 -1.46 -7.40
N GLU A 50 11.64 -1.56 -7.88
CA GLU A 50 11.20 -0.59 -8.87
CA GLU A 50 11.23 -0.56 -8.87
C GLU A 50 10.31 0.51 -8.30
N ARG A 51 10.19 0.50 -6.99
CA ARG A 51 9.31 1.44 -6.28
C ARG A 51 10.11 2.24 -5.30
N ARG A 52 9.46 3.17 -4.64
CA ARG A 52 10.07 3.87 -3.47
CA ARG A 52 10.09 3.89 -3.49
C ARG A 52 9.32 3.85 -2.15
N GLY A 53 10.07 4.11 -1.09
CA GLY A 53 9.51 4.34 0.21
C GLY A 53 8.95 3.06 0.85
N SER A 54 9.52 1.94 0.48
CA SER A 54 9.01 0.67 1.08
C SER A 54 9.28 0.68 2.60
N THR A 55 8.21 0.63 3.36
CA THR A 55 8.16 0.87 4.77
C THR A 55 7.41 -0.27 5.47
N VAL A 56 7.89 -0.66 6.65
CA VAL A 56 7.15 -1.59 7.48
C VAL A 56 6.67 -0.92 8.75
N ALA A 57 5.53 -1.40 9.26
CA ALA A 57 5.03 -1.06 10.57
C ALA A 57 5.21 -2.23 11.51
N VAL A 58 5.61 -1.88 12.73
CA VAL A 58 6.02 -2.91 13.75
C VAL A 58 5.26 -2.66 15.03
N HIS A 59 4.82 -3.74 15.67
CA HIS A 59 4.20 -3.68 16.98
C HIS A 59 4.66 -4.89 17.77
N ASP A 60 5.10 -4.68 19.01
CA ASP A 60 5.54 -5.75 19.90
C ASP A 60 6.49 -6.73 19.16
N GLY A 61 7.44 -6.17 18.41
CA GLY A 61 8.44 -6.95 17.76
C GLY A 61 8.02 -7.63 16.49
N GLN A 62 6.78 -7.41 16.05
CA GLN A 62 6.25 -8.10 14.87
CA GLN A 62 6.24 -8.10 14.88
C GLN A 62 6.06 -7.10 13.74
N VAL A 63 6.55 -7.48 12.55
CA VAL A 63 6.21 -6.71 11.30
C VAL A 63 4.75 -7.02 10.96
N LEU A 64 3.90 -5.98 11.01
CA LEU A 64 2.47 -6.14 10.82
C LEU A 64 1.92 -5.45 9.59
N GLY A 65 2.72 -4.58 8.98
CA GLY A 65 2.24 -3.82 7.82
C GLY A 65 3.37 -3.46 6.92
N PHE A 66 3.02 -3.24 5.66
CA PHE A 66 3.98 -2.87 4.60
C PHE A 66 3.28 -1.97 3.58
N ALA A 67 3.98 -0.91 3.11
CA ALA A 67 3.47 -0.15 1.99
C ALA A 67 4.65 0.52 1.24
N ASN A 68 4.37 1.06 0.06
CA ASN A 68 5.36 1.76 -0.70
C ASN A 68 4.67 2.76 -1.64
N PHE A 69 5.49 3.43 -2.47
CA PHE A 69 4.91 4.19 -3.55
C PHE A 69 5.15 3.61 -4.90
N TYR A 70 4.12 3.50 -5.77
CA TYR A 70 4.42 3.09 -7.13
C TYR A 70 4.56 4.21 -8.13
N GLN A 71 4.13 5.40 -7.71
CA GLN A 71 4.38 6.66 -8.45
C GLN A 71 4.81 7.70 -7.50
N TRP A 72 5.72 8.56 -7.96
CA TRP A 72 6.22 9.62 -7.10
C TRP A 72 6.66 10.72 -8.09
N GLN A 73 6.20 11.92 -7.82
CA GLN A 73 6.49 13.06 -8.70
C GLN A 73 6.73 14.28 -7.81
N HIS A 74 7.98 14.63 -7.68
N HIS A 74 7.99 14.65 -7.71
CA HIS A 74 8.42 15.64 -6.73
CA HIS A 74 8.44 15.68 -6.77
C HIS A 74 7.65 16.95 -6.95
C HIS A 74 7.65 16.96 -6.96
N GLY A 75 7.19 17.53 -5.84
CA GLY A 75 6.38 18.78 -5.88
C GLY A 75 4.94 18.61 -6.29
N ASP A 76 4.50 17.34 -6.47
CA ASP A 76 3.24 17.02 -7.09
C ASP A 76 2.47 16.02 -6.26
N PHE A 77 2.74 14.73 -6.45
CA PHE A 77 1.95 13.72 -5.74
C PHE A 77 2.76 12.44 -5.58
N CYS A 78 2.32 11.54 -4.69
CA CYS A 78 2.78 10.18 -4.72
C CYS A 78 1.55 9.29 -4.80
N ALA A 79 1.70 8.01 -5.24
CA ALA A 79 0.60 7.12 -5.34
C ALA A 79 0.99 5.92 -4.48
N LEU A 80 0.17 5.66 -3.50
CA LEU A 80 0.42 4.52 -2.57
C LEU A 80 0.19 3.16 -3.23
N GLY A 81 1.08 2.23 -2.94
CA GLY A 81 0.94 0.88 -3.45
C GLY A 81 1.31 -0.18 -2.41
N ASN A 82 1.00 -1.43 -2.76
CA ASN A 82 1.39 -2.59 -1.98
C ASN A 82 1.01 -2.51 -0.52
N MET A 83 -0.15 -1.95 -0.19
CA MET A 83 -0.55 -1.84 1.22
C MET A 83 -1.03 -3.20 1.72
N MET A 84 -0.31 -3.75 2.67
CA MET A 84 -0.55 -5.12 3.13
C MET A 84 -0.44 -5.14 4.63
N VAL A 85 -1.30 -5.94 5.26
CA VAL A 85 -1.40 -6.05 6.70
C VAL A 85 -1.51 -7.54 7.03
N ALA A 86 -0.78 -7.87 8.02
CA ALA A 86 -0.81 -9.21 8.62
C ALA A 86 -2.24 -9.63 9.02
N PRO A 87 -2.62 -10.87 8.76
CA PRO A 87 -3.99 -11.29 9.03
C PRO A 87 -4.49 -11.13 10.48
N ALA A 88 -3.61 -11.41 11.40
CA ALA A 88 -3.96 -11.30 12.80
C ALA A 88 -4.14 -9.85 13.28
N ALA A 89 -3.61 -8.91 12.49
CA ALA A 89 -3.63 -7.50 12.82
C ALA A 89 -4.60 -6.69 12.01
N ARG A 90 -5.45 -7.31 11.22
CA ARG A 90 -6.41 -6.54 10.39
C ARG A 90 -7.42 -5.84 11.30
N GLY A 91 -7.76 -4.63 10.93
CA GLY A 91 -8.74 -3.89 11.67
C GLY A 91 -8.28 -3.23 12.96
N LEU A 92 -6.99 -3.27 13.24
CA LEU A 92 -6.44 -2.79 14.50
C LEU A 92 -5.72 -1.47 14.33
N GLY A 93 -5.84 -0.87 13.17
CA GLY A 93 -5.21 0.45 12.93
C GLY A 93 -3.86 0.46 12.27
N VAL A 94 -3.38 -0.69 11.83
CA VAL A 94 -2.10 -0.77 11.16
C VAL A 94 -2.13 -0.05 9.82
N ALA A 95 -3.16 -0.26 9.01
CA ALA A 95 -3.23 0.37 7.72
C ALA A 95 -3.35 1.90 7.92
N ARG A 96 -4.22 2.33 8.81
CA ARG A 96 -4.38 3.78 9.10
C ARG A 96 -3.05 4.37 9.49
N TYR A 97 -2.34 3.67 10.37
CA TYR A 97 -1.05 4.15 10.83
C TYR A 97 -0.06 4.30 9.69
N LEU A 98 0.07 3.25 8.91
CA LEU A 98 0.97 3.26 7.77
C LEU A 98 0.63 4.33 6.71
N ILE A 99 -0.67 4.55 6.46
CA ILE A 99 -1.09 5.56 5.51
C ILE A 99 -0.63 6.87 6.07
N GLY A 100 -0.78 7.11 7.36
CA GLY A 100 -0.29 8.38 7.92
C GLY A 100 1.23 8.56 7.78
N VAL A 101 2.01 7.49 7.95
CA VAL A 101 3.42 7.53 7.79
C VAL A 101 3.78 7.84 6.34
N MET A 102 3.07 7.23 5.41
CA MET A 102 3.37 7.41 4.00
C MET A 102 2.97 8.83 3.55
N GLU A 103 1.87 9.32 4.07
CA GLU A 103 1.53 10.78 3.81
C GLU A 103 2.63 11.71 4.27
N ASN A 104 3.19 11.51 5.49
CA ASN A 104 4.30 12.30 5.93
C ASN A 104 5.50 12.16 5.02
N LEU A 105 5.80 10.94 4.60
CA LEU A 105 6.92 10.72 3.71
C LEU A 105 6.70 11.43 2.38
N ALA A 106 5.48 11.37 1.87
CA ALA A 106 5.21 12.04 0.61
C ALA A 106 5.40 13.55 0.74
N ARG A 107 4.91 14.14 1.82
CA ARG A 107 5.05 15.58 2.05
C ARG A 107 6.50 15.98 2.22
N GLU A 108 7.22 15.20 3.01
CA GLU A 108 8.57 15.52 3.42
C GLU A 108 9.65 15.27 2.38
N GLN A 109 9.67 14.09 1.82
CA GLN A 109 10.66 13.68 0.86
CA GLN A 109 10.68 13.67 0.86
C GLN A 109 10.34 14.09 -0.58
N TYR A 110 9.07 14.07 -0.96
CA TYR A 110 8.69 14.36 -2.31
C TYR A 110 7.99 15.69 -2.46
N LYS A 111 7.84 16.44 -1.37
CA LYS A 111 7.07 17.75 -1.42
C LYS A 111 5.74 17.60 -2.16
N ALA A 112 5.08 16.44 -1.94
CA ALA A 112 3.84 16.24 -2.59
C ALA A 112 2.72 17.04 -2.01
N ARG A 113 1.80 17.45 -2.87
CA ARG A 113 0.59 18.16 -2.47
C ARG A 113 -0.63 17.24 -2.40
N LEU A 114 -0.51 16.00 -2.90
CA LEU A 114 -1.62 15.14 -3.04
C LEU A 114 -1.08 13.71 -2.83
N MET A 115 -1.88 12.84 -2.18
CA MET A 115 -1.62 11.41 -2.26
C MET A 115 -2.76 10.77 -3.06
N LYS A 116 -2.40 9.88 -3.97
CA LYS A 116 -3.35 9.13 -4.74
C LYS A 116 -3.35 7.70 -4.19
N ILE A 117 -4.55 7.17 -4.11
CA ILE A 117 -4.74 5.73 -3.75
C ILE A 117 -5.72 5.18 -4.76
N SER A 118 -5.40 4.00 -5.34
CA SER A 118 -6.33 3.37 -6.24
C SER A 118 -6.75 2.06 -5.60
N CYS A 119 -8.04 1.86 -5.46
CA CYS A 119 -8.55 0.68 -4.72
C CYS A 119 -9.52 -0.07 -5.59
N PHE A 120 -9.36 -1.41 -5.62
CA PHE A 120 -10.32 -2.21 -6.39
C PHE A 120 -11.70 -2.27 -5.78
N ASN A 121 -12.73 -2.33 -6.62
CA ASN A 121 -14.07 -2.23 -6.18
C ASN A 121 -14.47 -3.32 -5.15
N ALA A 122 -13.91 -4.52 -5.25
CA ALA A 122 -14.29 -5.54 -4.30
C ALA A 122 -13.81 -5.30 -2.84
N ASN A 123 -12.82 -4.43 -2.71
CA ASN A 123 -12.16 -4.13 -1.45
C ASN A 123 -12.90 -3.07 -0.67
N ALA A 124 -14.09 -3.45 -0.18
CA ALA A 124 -14.98 -2.54 0.59
C ALA A 124 -14.23 -1.97 1.78
N ALA A 125 -13.50 -2.81 2.50
CA ALA A 125 -12.82 -2.33 3.71
C ALA A 125 -11.82 -1.22 3.36
N GLY A 126 -11.11 -1.37 2.24
CA GLY A 126 -10.20 -0.34 1.81
C GLY A 126 -10.96 0.91 1.45
N LEU A 127 -11.97 0.77 0.62
CA LEU A 127 -12.73 2.00 0.19
C LEU A 127 -13.24 2.82 1.37
N LEU A 128 -13.78 2.11 2.37
CA LEU A 128 -14.35 2.71 3.58
C LEU A 128 -13.23 3.35 4.43
N LEU A 129 -12.08 2.68 4.61
CA LEU A 129 -11.01 3.22 5.37
C LEU A 129 -10.47 4.46 4.72
N TYR A 130 -10.21 4.39 3.41
CA TYR A 130 -9.61 5.61 2.77
C TYR A 130 -10.57 6.73 2.86
N THR A 131 -11.86 6.47 2.81
CA THR A 131 -12.87 7.54 2.98
C THR A 131 -12.79 8.14 4.39
N GLN A 132 -12.64 7.30 5.40
CA GLN A 132 -12.50 7.75 6.77
C GLN A 132 -11.27 8.64 6.93
N LEU A 133 -10.24 8.38 6.15
CA LEU A 133 -8.97 9.09 6.23
C LEU A 133 -8.96 10.31 5.35
N GLY A 134 -10.09 10.61 4.71
CA GLY A 134 -10.18 11.92 4.01
C GLY A 134 -9.94 11.86 2.53
N TYR A 135 -9.87 10.63 1.97
CA TYR A 135 -9.69 10.50 0.52
C TYR A 135 -11.04 10.62 -0.13
N GLN A 136 -11.07 11.17 -1.33
CA GLN A 136 -12.27 11.29 -2.11
C GLN A 136 -12.13 10.58 -3.44
N PRO A 137 -13.24 10.02 -3.96
CA PRO A 137 -13.14 9.34 -5.24
C PRO A 137 -13.11 10.34 -6.35
N ARG A 138 -12.23 10.12 -7.29
CA ARG A 138 -12.09 11.01 -8.43
C ARG A 138 -12.47 10.40 -9.78
N ALA A 139 -12.16 9.10 -9.99
CA ALA A 139 -12.44 8.47 -11.26
C ALA A 139 -12.52 6.96 -11.04
N ILE A 140 -13.05 6.27 -12.04
CA ILE A 140 -13.12 4.77 -12.03
C ILE A 140 -12.58 4.31 -13.36
N ALA A 141 -11.68 3.32 -13.31
CA ALA A 141 -11.11 2.79 -14.52
C ALA A 141 -11.37 1.31 -14.62
N GLU A 142 -11.52 0.87 -15.85
CA GLU A 142 -11.68 -0.58 -16.08
C GLU A 142 -10.33 -1.24 -15.95
N ARG A 143 -10.30 -2.38 -15.26
CA ARG A 143 -9.13 -3.24 -15.19
C ARG A 143 -9.64 -4.70 -15.29
N HIS A 144 -8.72 -5.64 -15.44
CA HIS A 144 -9.05 -7.05 -15.48
C HIS A 144 -8.34 -7.83 -14.40
N ASP A 145 -9.05 -8.82 -13.87
CA ASP A 145 -8.53 -9.66 -12.82
C ASP A 145 -7.90 -10.88 -13.49
N PRO A 146 -7.29 -11.76 -12.70
CA PRO A 146 -6.55 -12.87 -13.32
C PRO A 146 -7.42 -13.82 -14.14
N ASP A 147 -8.72 -13.82 -13.90
CA ASP A 147 -9.63 -14.66 -14.68
C ASP A 147 -10.18 -13.94 -15.91
N GLY A 148 -9.62 -12.80 -16.19
CA GLY A 148 -10.03 -11.95 -17.29
C GLY A 148 -11.34 -11.23 -17.06
N ARG A 149 -11.86 -11.19 -15.82
CA ARG A 149 -13.14 -10.57 -15.53
C ARG A 149 -12.86 -9.06 -15.32
N ARG A 150 -13.81 -8.26 -15.71
CA ARG A 150 -13.68 -6.81 -15.57
C ARG A 150 -13.94 -6.40 -14.12
N VAL A 151 -13.06 -5.54 -13.60
CA VAL A 151 -13.20 -5.01 -12.28
C VAL A 151 -13.05 -3.49 -12.40
N ALA A 152 -13.48 -2.78 -11.39
CA ALA A 152 -13.40 -1.28 -11.42
C ALA A 152 -12.36 -0.82 -10.42
N LEU A 153 -11.41 0.00 -10.85
CA LEU A 153 -10.38 0.53 -10.02
C LEU A 153 -10.84 1.92 -9.65
N ILE A 154 -11.09 2.16 -8.38
CA ILE A 154 -11.56 3.45 -7.88
CA ILE A 154 -11.56 3.45 -7.92
C ILE A 154 -10.34 4.28 -7.50
N GLN A 155 -10.16 5.40 -8.23
CA GLN A 155 -9.00 6.24 -8.09
C GLN A 155 -9.39 7.38 -7.16
N MET A 156 -8.74 7.43 -5.99
CA MET A 156 -9.11 8.35 -4.90
C MET A 156 -7.87 9.24 -4.68
N ASP A 157 -8.11 10.42 -4.11
CA ASP A 157 -7.01 11.22 -3.69
C ASP A 157 -7.30 12.11 -2.51
N LYS A 158 -6.24 12.73 -1.95
CA LYS A 158 -6.35 13.57 -0.73
C LYS A 158 -5.27 14.61 -0.74
N PRO A 159 -5.63 15.88 -0.55
CA PRO A 159 -4.60 16.91 -0.50
C PRO A 159 -3.70 16.72 0.74
N LEU A 160 -2.39 17.00 0.77
N LEU A 160 -2.40 16.98 0.59
CA LEU A 160 -1.59 16.67 1.96
CA LEU A 160 -1.46 17.05 1.68
C LEU A 160 -1.27 17.84 2.86
C LEU A 160 -0.93 18.48 1.69
N GLU A 161 -0.98 18.97 2.19
N GLU A 161 -0.86 19.10 2.86
CA GLU A 161 -0.32 20.18 2.74
CA GLU A 161 -0.17 20.39 3.03
C GLU A 161 1.22 20.10 2.59
C GLU A 161 1.26 20.23 2.49
#